data_8OZ2
#
_entry.id   8OZ2
#
_cell.length_a   47.405
_cell.length_b   66.349
_cell.length_c   49.300
_cell.angle_alpha   90.000
_cell.angle_beta   92.382
_cell.angle_gamma   90.000
#
_symmetry.space_group_name_H-M   'P 1 21 1'
#
loop_
_entity.id
_entity.type
_entity.pdbx_description
1 polymer 'Aldo-keto reductase family 1 member B1'
2 non-polymer 'NADP NICOTINAMIDE-ADENINE-DINUCLEOTIDE PHOSPHATE'
3 non-polymer '{5-fluoro-2-[(3-nitrobenzyl)carbamoyl]phenoxy}acetic acid'
4 non-polymer 'CITRIC ACID'
5 water water
#
_entity_poly.entity_id   1
_entity_poly.type   'polypeptide(L)'
_entity_poly.pdbx_seq_one_letter_code
;MASRILLNNGAKMPILGLGTWKSPPGQVTEAVKVAIDVGYRHIDCAHVYQNENEVGVAIQEKLREQVVKREELFIVSKLW
CTYHEKGLVKGACQKTLSDLKLDYLDLYLIHWPTGFKPGKEFFPLDESGNVVPSDTNILDTWAAMEELVDEGLVKAIGIS
NFNHLQVEMILNKPGLKYKPAVNQIECHPYLTQEKLIQYCQSKGIVVTAYSPLGSPDRPWAKPEDPSLLEDPRIKAIAAK
HNKTTAQVLIRFPMQRNLVVIPKSVTPERIAENFKVFDFELSSQDMTTLLSYNRNWRVCGALSCTSHKDYPFHEEF
;
_entity_poly.pdbx_strand_id   A
#
loop_
_chem_comp.id
_chem_comp.type
_chem_comp.name
_chem_comp.formula
30L non-polymer '{5-fluoro-2-[(3-nitrobenzyl)carbamoyl]phenoxy}acetic acid' 'C16 H13 F N2 O6'
CIT non-polymer 'CITRIC ACID' 'C6 H8 O7'
NAP non-polymer 'NADP NICOTINAMIDE-ADENINE-DINUCLEOTIDE PHOSPHATE' 'C21 H28 N7 O17 P3'
#
# COMPACT_ATOMS: atom_id res chain seq x y z
N MET A 1 -16.67 -10.00 10.54
CA MET A 1 -15.19 -10.18 10.69
C MET A 1 -14.61 -8.99 11.44
N ALA A 2 -13.57 -9.24 12.24
CA ALA A 2 -12.92 -8.17 12.98
C ALA A 2 -12.37 -7.13 12.04
N SER A 3 -12.54 -5.86 12.40
CA SER A 3 -12.19 -4.78 11.49
C SER A 3 -10.70 -4.43 11.50
N ARG A 4 -9.93 -4.85 12.51
CA ARG A 4 -8.52 -4.48 12.61
C ARG A 4 -7.67 -5.71 12.87
N ILE A 5 -6.42 -5.62 12.43
CA ILE A 5 -5.43 -6.68 12.60
C ILE A 5 -4.29 -6.14 13.47
N LEU A 6 -3.82 -6.99 14.38
CA LEU A 6 -2.77 -6.59 15.31
C LEU A 6 -1.40 -6.67 14.62
N LEU A 7 -0.67 -5.56 14.63
CA LEU A 7 0.67 -5.51 14.08
C LEU A 7 1.70 -5.91 15.12
N ASN A 8 2.89 -6.25 14.62
CA ASN A 8 4.00 -6.62 15.49
C ASN A 8 4.61 -5.43 16.22
N ASN A 9 4.06 -4.22 16.09
CA ASN A 9 4.39 -3.12 16.98
C ASN A 9 3.36 -2.93 18.10
N GLY A 10 2.36 -3.80 18.21
CA GLY A 10 1.35 -3.69 19.24
C GLY A 10 0.15 -2.83 18.92
N ALA A 11 0.13 -2.15 17.76
CA ALA A 11 -0.99 -1.32 17.34
C ALA A 11 -1.90 -2.12 16.41
N LYS A 12 -3.15 -1.67 16.31
CA LYS A 12 -4.14 -2.32 15.46
C LYS A 12 -4.35 -1.50 14.18
N MET A 13 -4.40 -2.20 13.06
CA MET A 13 -4.51 -1.60 11.74
C MET A 13 -5.82 -2.00 11.09
N PRO A 14 -6.63 -1.05 10.63
CA PRO A 14 -7.87 -1.41 9.93
C PRO A 14 -7.58 -2.19 8.65
N ILE A 15 -8.29 -3.31 8.48
CA ILE A 15 -8.03 -4.20 7.35
C ILE A 15 -8.55 -3.65 6.04
N LEU A 16 -9.40 -2.63 6.06
CA LEU A 16 -9.86 -1.97 4.86
C LEU A 16 -9.43 -0.51 4.89
N GLY A 17 -8.74 -0.06 3.85
CA GLY A 17 -8.38 1.35 3.72
C GLY A 17 -8.70 1.87 2.33
N LEU A 18 -8.60 3.18 2.19
CA LEU A 18 -8.84 3.87 0.94
C LEU A 18 -7.51 4.17 0.23
N GLY A 19 -7.38 3.69 -1.00
CA GLY A 19 -6.23 4.05 -1.82
C GLY A 19 -6.39 5.42 -2.45
N THR A 20 -5.25 6.07 -2.73
CA THR A 20 -5.23 7.43 -3.26
C THR A 20 -4.32 7.65 -4.47
N TRP A 21 -3.64 6.62 -4.97
CA TRP A 21 -2.87 6.81 -6.20
C TRP A 21 -3.83 7.05 -7.37
N LYS A 22 -3.58 8.12 -8.13
CA LYS A 22 -4.33 8.55 -9.30
C LYS A 22 -5.58 9.32 -8.92
N SER A 23 -5.90 9.48 -7.64
CA SER A 23 -7.06 10.25 -7.25
C SER A 23 -6.76 11.72 -7.56
N PRO A 24 -7.49 12.37 -8.46
CA PRO A 24 -7.08 13.70 -8.87
C PRO A 24 -7.11 14.66 -7.70
N PRO A 25 -6.21 15.66 -7.69
CA PRO A 25 -6.17 16.56 -6.54
C PRO A 25 -7.45 17.34 -6.33
N GLY A 26 -8.24 17.59 -7.39
CA GLY A 26 -9.51 18.26 -7.24
C GLY A 26 -10.68 17.38 -6.84
N GLN A 27 -10.44 16.08 -6.69
CA GLN A 27 -11.45 15.12 -6.27
C GLN A 27 -11.11 14.38 -5.00
N VAL A 28 -9.83 14.33 -4.61
CA VAL A 28 -9.44 13.45 -3.51
C VAL A 28 -9.84 14.02 -2.15
N THR A 29 -9.95 15.34 -1.99
CA THR A 29 -10.42 15.87 -0.72
C THR A 29 -11.83 15.38 -0.41
N GLU A 30 -12.73 15.52 -1.39
CA GLU A 30 -14.08 15.01 -1.18
C GLU A 30 -14.09 13.49 -1.01
N ALA A 31 -13.23 12.78 -1.76
CA ALA A 31 -13.22 11.32 -1.65
C ALA A 31 -12.88 10.89 -0.23
N VAL A 32 -11.88 11.52 0.37
CA VAL A 32 -11.45 11.14 1.71
C VAL A 32 -12.49 11.59 2.74
N LYS A 33 -13.10 12.76 2.55
CA LYS A 33 -14.18 13.18 3.45
C LYS A 33 -15.34 12.19 3.43
N VAL A 34 -15.78 11.80 2.23
CA VAL A 34 -16.84 10.80 2.10
C VAL A 34 -16.42 9.50 2.76
N ALA A 35 -15.20 9.04 2.48
CA ALA A 35 -14.72 7.80 3.05
C ALA A 35 -14.82 7.81 4.57
N ILE A 36 -14.32 8.87 5.20
CA ILE A 36 -14.39 8.96 6.66
C ILE A 36 -15.84 8.98 7.12
N ASP A 37 -16.70 9.73 6.42
CA ASP A 37 -18.11 9.79 6.80
C ASP A 37 -18.79 8.42 6.76
N VAL A 38 -18.39 7.53 5.84
CA VAL A 38 -19.05 6.24 5.66
C VAL A 38 -18.30 5.10 6.36
N GLY A 39 -17.25 5.39 7.11
CA GLY A 39 -16.65 4.45 8.03
C GLY A 39 -15.18 4.15 7.82
N TYR A 40 -14.55 4.60 6.75
CA TYR A 40 -13.14 4.29 6.57
C TYR A 40 -12.33 4.97 7.66
N ARG A 41 -11.33 4.27 8.19
N ARG A 41 -11.33 4.24 8.15
CA ARG A 41 -10.41 4.85 9.17
CA ARG A 41 -10.45 4.72 9.20
C ARG A 41 -8.96 4.83 8.69
C ARG A 41 -8.98 4.50 8.84
N HIS A 42 -8.68 4.14 7.60
CA HIS A 42 -7.33 3.90 7.11
C HIS A 42 -7.26 4.50 5.71
N ILE A 43 -6.27 5.36 5.49
CA ILE A 43 -6.01 5.99 4.19
C ILE A 43 -4.58 5.65 3.79
N ASP A 44 -4.40 5.15 2.57
CA ASP A 44 -3.09 4.83 2.01
C ASP A 44 -2.63 5.98 1.11
N CYS A 45 -1.48 6.55 1.42
CA CYS A 45 -0.95 7.75 0.79
C CYS A 45 0.49 7.50 0.30
N ALA A 46 1.01 8.47 -0.47
CA ALA A 46 2.44 8.48 -0.76
C ALA A 46 2.83 9.85 -1.31
N HIS A 47 4.05 10.29 -0.97
CA HIS A 47 4.55 11.55 -1.52
C HIS A 47 4.53 11.54 -3.04
N VAL A 48 4.92 10.42 -3.66
CA VAL A 48 5.02 10.35 -5.12
C VAL A 48 3.65 10.50 -5.80
N TYR A 49 2.56 10.30 -5.06
CA TYR A 49 1.22 10.43 -5.67
C TYR A 49 0.86 11.89 -5.90
N GLN A 50 1.59 12.83 -5.30
CA GLN A 50 1.48 14.28 -5.54
C GLN A 50 0.14 14.85 -5.10
N ASN A 51 -0.56 14.20 -4.18
CA ASN A 51 -1.85 14.68 -3.71
C ASN A 51 -1.97 14.61 -2.19
N GLU A 52 -0.86 14.51 -1.46
CA GLU A 52 -0.96 14.42 0.00
C GLU A 52 -1.51 15.71 0.61
N ASN A 53 -1.21 16.89 0.04
CA ASN A 53 -1.78 18.10 0.61
C ASN A 53 -3.31 18.03 0.64
N GLU A 54 -3.90 17.58 -0.48
CA GLU A 54 -5.35 17.52 -0.63
C GLU A 54 -5.96 16.40 0.23
N VAL A 55 -5.27 15.26 0.33
CA VAL A 55 -5.71 14.25 1.30
C VAL A 55 -5.72 14.84 2.70
N GLY A 56 -4.66 15.59 3.03
CA GLY A 56 -4.55 16.16 4.36
C GLY A 56 -5.64 17.16 4.67
N VAL A 57 -6.08 17.94 3.68
CA VAL A 57 -7.19 18.87 3.91
C VAL A 57 -8.40 18.10 4.41
N ALA A 58 -8.68 16.95 3.80
CA ALA A 58 -9.84 16.16 4.21
C ALA A 58 -9.66 15.61 5.63
N ILE A 59 -8.51 15.01 5.91
CA ILE A 59 -8.27 14.45 7.23
C ILE A 59 -8.44 15.54 8.28
N GLN A 60 -7.81 16.69 8.07
CA GLN A 60 -7.85 17.76 9.06
C GLN A 60 -9.26 18.27 9.26
N GLU A 61 -10.04 18.38 8.19
CA GLU A 61 -11.40 18.86 8.33
C GLU A 61 -12.25 17.89 9.14
N LYS A 62 -12.07 16.58 8.92
CA LYS A 62 -12.85 15.61 9.69
C LYS A 62 -12.43 15.56 11.15
N LEU A 63 -11.13 15.78 11.42
CA LEU A 63 -10.67 15.94 12.80
C LEU A 63 -11.26 17.20 13.42
N ARG A 64 -11.23 18.31 12.69
CA ARG A 64 -11.78 19.56 13.21
C ARG A 64 -13.28 19.44 13.47
N GLU A 65 -14.02 18.80 12.55
CA GLU A 65 -15.45 18.57 12.72
C GLU A 65 -15.76 17.59 13.84
N GLN A 66 -14.74 16.89 14.36
CA GLN A 66 -14.93 15.85 15.37
C GLN A 66 -15.80 14.71 14.87
N VAL A 67 -15.70 14.41 13.56
CA VAL A 67 -16.27 13.19 13.00
C VAL A 67 -15.51 11.98 13.51
N VAL A 68 -14.22 12.15 13.75
N VAL A 68 -14.20 12.13 13.69
CA VAL A 68 -13.32 11.07 14.15
CA VAL A 68 -13.32 11.09 14.19
C VAL A 68 -12.19 11.70 14.96
C VAL A 68 -12.29 11.76 15.09
N LYS A 69 -11.64 10.94 15.90
CA LYS A 69 -10.47 11.34 16.68
C LYS A 69 -9.21 10.83 15.97
N ARG A 70 -8.09 11.55 16.16
CA ARG A 70 -6.85 11.14 15.50
C ARG A 70 -6.48 9.70 15.84
N GLU A 71 -6.68 9.28 17.09
CA GLU A 71 -6.30 7.94 17.50
C GLU A 71 -7.10 6.86 16.79
N GLU A 72 -8.27 7.22 16.23
CA GLU A 72 -9.11 6.29 15.49
C GLU A 72 -8.72 6.17 14.03
N LEU A 73 -7.87 7.06 13.54
CA LEU A 73 -7.40 7.00 12.15
C LEU A 73 -6.07 6.26 12.07
N PHE A 74 -5.85 5.63 10.92
CA PHE A 74 -4.62 4.90 10.63
C PHE A 74 -4.13 5.41 9.28
N ILE A 75 -3.16 6.33 9.31
CA ILE A 75 -2.69 6.99 8.11
C ILE A 75 -1.33 6.43 7.73
N VAL A 76 -1.22 5.98 6.48
CA VAL A 76 -0.03 5.35 5.93
C VAL A 76 0.56 6.23 4.83
N SER A 77 1.88 6.41 4.84
CA SER A 77 2.56 6.98 3.68
C SER A 77 3.84 6.20 3.43
N LYS A 78 4.60 6.68 2.44
CA LYS A 78 5.73 5.93 1.90
C LYS A 78 6.84 6.87 1.48
N LEU A 79 8.07 6.45 1.77
CA LEU A 79 9.32 7.13 1.43
C LEU A 79 9.64 6.86 -0.03
N TRP A 80 9.71 7.91 -0.85
CA TRP A 80 9.99 7.71 -2.26
C TRP A 80 11.48 7.35 -2.51
N CYS A 81 11.72 6.80 -3.70
CA CYS A 81 13.00 6.19 -4.06
C CYS A 81 14.16 7.18 -4.09
N THR A 82 13.90 8.45 -4.36
CA THR A 82 14.95 9.48 -4.42
C THR A 82 15.32 10.02 -3.04
N TYR A 83 14.80 9.41 -1.97
CA TYR A 83 15.08 9.81 -0.60
C TYR A 83 15.67 8.66 0.24
N HIS A 84 16.28 7.66 -0.38
N HIS A 84 16.24 7.65 -0.43
CA HIS A 84 16.81 6.56 0.44
CA HIS A 84 17.00 6.59 0.21
C HIS A 84 18.03 6.94 1.30
C HIS A 84 18.42 7.07 0.51
N GLU A 85 18.55 8.16 1.21
CA GLU A 85 19.82 8.56 1.79
C GLU A 85 19.61 8.89 3.25
N LYS A 86 20.59 8.53 4.09
CA LYS A 86 20.53 8.82 5.53
C LYS A 86 20.07 10.24 5.82
N GLY A 87 20.66 11.21 5.13
CA GLY A 87 20.39 12.60 5.40
C GLY A 87 19.12 13.15 4.80
N LEU A 88 18.37 12.35 4.02
CA LEU A 88 17.14 12.81 3.38
C LEU A 88 15.88 12.19 3.95
N VAL A 89 15.97 11.06 4.66
CA VAL A 89 14.78 10.32 5.09
C VAL A 89 13.91 11.17 6.01
N LYS A 90 14.51 11.81 7.01
CA LYS A 90 13.69 12.55 7.97
C LYS A 90 12.94 13.69 7.28
N GLY A 91 13.63 14.45 6.43
CA GLY A 91 12.96 15.55 5.75
C GLY A 91 11.86 15.08 4.82
N ALA A 92 12.04 13.92 4.19
CA ALA A 92 10.97 13.36 3.35
C ALA A 92 9.75 13.00 4.19
N CYS A 93 9.97 12.38 5.34
CA CYS A 93 8.87 12.07 6.24
C CYS A 93 8.20 13.36 6.72
N GLN A 94 8.98 14.36 7.10
N GLN A 94 9.01 14.36 7.10
CA GLN A 94 8.39 15.59 7.60
CA GLN A 94 8.46 15.63 7.60
C GLN A 94 7.60 16.32 6.52
C GLN A 94 7.63 16.34 6.53
N LYS A 95 8.04 16.27 5.27
CA LYS A 95 7.25 16.89 4.19
C LYS A 95 5.89 16.20 4.06
N THR A 96 5.89 14.87 4.12
CA THR A 96 4.63 14.13 4.13
C THR A 96 3.77 14.50 5.33
N LEU A 97 4.37 14.58 6.53
CA LEU A 97 3.58 14.97 7.70
C LEU A 97 2.99 16.36 7.53
N SER A 98 3.80 17.30 7.04
N SER A 98 3.78 17.29 7.01
CA SER A 98 3.33 18.66 6.81
CA SER A 98 3.28 18.66 6.86
C SER A 98 2.15 18.67 5.86
C SER A 98 2.18 18.74 5.82
N ASP A 99 2.30 17.98 4.73
CA ASP A 99 1.23 17.95 3.72
C ASP A 99 -0.03 17.30 4.26
N LEU A 100 0.10 16.21 5.02
CA LEU A 100 -1.07 15.52 5.55
C LEU A 100 -1.65 16.21 6.77
N LYS A 101 -1.00 17.25 7.31
N LYS A 101 -0.95 17.24 7.26
CA LYS A 101 -1.51 17.99 8.48
CA LYS A 101 -1.31 18.00 8.46
C LYS A 101 -1.38 17.18 9.79
C LYS A 101 -1.47 17.07 9.65
N LEU A 102 -0.43 16.25 9.84
CA LEU A 102 -0.32 15.33 10.95
C LEU A 102 0.96 15.56 11.74
N ASP A 103 0.94 15.13 13.01
CA ASP A 103 2.15 15.11 13.82
C ASP A 103 2.76 13.72 13.97
N TYR A 104 2.11 12.69 13.42
CA TYR A 104 2.72 11.37 13.29
C TYR A 104 1.99 10.62 12.20
N LEU A 105 2.68 9.64 11.62
CA LEU A 105 2.05 8.64 10.77
C LEU A 105 1.86 7.35 11.55
N ASP A 106 0.78 6.62 11.26
CA ASP A 106 0.63 5.31 11.88
C ASP A 106 1.57 4.28 11.27
N LEU A 107 1.93 4.44 10.01
CA LEU A 107 2.79 3.49 9.32
C LEU A 107 3.50 4.23 8.20
N TYR A 108 4.81 4.04 8.10
CA TYR A 108 5.60 4.63 7.03
C TYR A 108 6.40 3.51 6.36
N LEU A 109 6.27 3.41 5.04
CA LEU A 109 6.83 2.31 4.27
C LEU A 109 7.99 2.78 3.40
N ILE A 110 9.02 1.95 3.25
CA ILE A 110 9.93 2.12 2.12
C ILE A 110 9.13 1.75 0.86
N HIS A 111 8.89 2.72 -0.03
CA HIS A 111 7.91 2.52 -1.10
C HIS A 111 8.33 1.41 -2.06
N TRP A 112 9.60 1.41 -2.46
CA TRP A 112 10.21 0.41 -3.30
C TRP A 112 11.61 0.12 -2.77
N PRO A 113 12.14 -1.09 -2.98
CA PRO A 113 13.49 -1.38 -2.50
C PRO A 113 14.57 -0.64 -3.26
N THR A 114 14.25 -0.10 -4.44
CA THR A 114 15.21 0.57 -5.30
C THR A 114 15.40 2.04 -4.89
N GLY A 115 16.63 2.40 -4.53
CA GLY A 115 16.98 3.79 -4.33
C GLY A 115 17.47 4.42 -5.63
N PHE A 116 17.06 5.68 -5.85
CA PHE A 116 17.45 6.44 -7.02
C PHE A 116 18.25 7.68 -6.61
N LYS A 117 19.02 8.22 -7.55
CA LYS A 117 19.76 9.45 -7.32
C LYS A 117 18.83 10.56 -6.81
N PRO A 118 19.21 11.26 -5.74
N PRO A 118 19.18 11.22 -5.70
CA PRO A 118 18.37 12.35 -5.23
CA PRO A 118 18.35 12.34 -5.24
C PRO A 118 18.37 13.56 -6.16
C PRO A 118 18.33 13.50 -6.23
N GLY A 119 17.26 14.28 -6.13
CA GLY A 119 17.08 15.43 -6.98
C GLY A 119 15.60 15.70 -7.17
N LYS A 120 15.29 16.66 -8.05
CA LYS A 120 13.89 17.05 -8.22
C LYS A 120 13.08 15.97 -8.93
N GLU A 121 13.70 15.25 -9.87
N GLU A 121 13.69 15.23 -9.86
CA GLU A 121 12.98 14.24 -10.64
CA GLU A 121 12.98 14.25 -10.65
C GLU A 121 12.73 13.00 -9.79
C GLU A 121 12.76 12.97 -9.87
N PHE A 122 11.52 12.48 -9.89
CA PHE A 122 11.19 11.26 -9.17
C PHE A 122 11.80 10.01 -9.81
N PHE A 123 12.06 10.05 -11.13
CA PHE A 123 12.75 8.98 -11.86
C PHE A 123 13.92 9.60 -12.62
N PRO A 124 15.04 9.84 -11.96
CA PRO A 124 16.21 10.37 -12.69
C PRO A 124 16.69 9.33 -13.70
N LEU A 125 16.89 9.75 -14.94
CA LEU A 125 17.25 8.84 -16.03
C LEU A 125 18.61 9.18 -16.59
N ASP A 126 19.33 8.16 -17.07
CA ASP A 126 20.48 8.39 -17.91
C ASP A 126 20.01 8.66 -19.34
N GLU A 127 20.94 8.98 -20.23
CA GLU A 127 20.53 9.41 -21.57
C GLU A 127 19.90 8.27 -22.37
N SER A 128 20.01 7.03 -21.91
CA SER A 128 19.39 5.88 -22.57
C SER A 128 18.13 5.38 -21.86
N GLY A 129 17.66 6.10 -20.84
CA GLY A 129 16.39 5.80 -20.24
C GLY A 129 16.44 4.87 -19.04
N ASN A 130 17.62 4.45 -18.61
CA ASN A 130 17.71 3.65 -17.39
C ASN A 130 17.63 4.57 -16.18
N VAL A 131 16.95 4.11 -15.13
CA VAL A 131 16.95 4.90 -13.90
C VAL A 131 18.37 4.96 -13.35
N VAL A 132 18.71 6.09 -12.74
CA VAL A 132 20.02 6.30 -12.14
C VAL A 132 19.95 5.85 -10.67
N PRO A 133 20.65 4.78 -10.29
CA PRO A 133 20.54 4.30 -8.91
C PRO A 133 21.26 5.19 -7.90
N SER A 134 20.84 5.03 -6.65
N SER A 134 20.90 4.98 -6.64
CA SER A 134 21.63 5.38 -5.49
CA SER A 134 21.70 5.46 -5.52
C SER A 134 22.43 4.18 -5.03
C SER A 134 22.35 4.26 -4.85
N ASP A 135 23.62 4.43 -4.45
CA ASP A 135 24.38 3.35 -3.83
C ASP A 135 23.97 3.05 -2.39
N THR A 136 22.97 3.72 -1.83
CA THR A 136 22.56 3.42 -0.46
C THR A 136 21.75 2.13 -0.43
N ASN A 137 22.16 1.16 0.38
N ASN A 137 22.18 1.15 0.35
CA ASN A 137 21.51 -0.14 0.38
CA ASN A 137 21.50 -0.14 0.32
C ASN A 137 20.27 -0.15 1.28
C ASN A 137 20.23 -0.11 1.16
N ILE A 138 19.48 -1.21 1.15
CA ILE A 138 18.21 -1.23 1.86
C ILE A 138 18.43 -1.24 3.37
N LEU A 139 19.54 -1.81 3.86
CA LEU A 139 19.77 -1.88 5.30
C LEU A 139 20.03 -0.51 5.91
N ASP A 140 20.80 0.34 5.22
CA ASP A 140 21.02 1.69 5.74
C ASP A 140 19.74 2.52 5.66
N THR A 141 18.95 2.34 4.60
CA THR A 141 17.64 3.00 4.57
C THR A 141 16.77 2.55 5.72
N TRP A 142 16.81 1.25 6.04
CA TRP A 142 16.02 0.74 7.16
C TRP A 142 16.45 1.38 8.47
N ALA A 143 17.76 1.51 8.69
CA ALA A 143 18.22 2.17 9.92
C ALA A 143 17.68 3.58 10.01
N ALA A 144 17.62 4.30 8.89
CA ALA A 144 17.05 5.64 8.89
C ALA A 144 15.57 5.61 9.24
N MET A 145 14.83 4.61 8.75
CA MET A 145 13.43 4.46 9.11
C MET A 145 13.26 4.21 10.60
N GLU A 146 14.14 3.39 11.18
CA GLU A 146 14.06 3.11 12.61
C GLU A 146 14.20 4.39 13.44
N GLU A 147 15.04 5.32 12.98
CA GLU A 147 15.19 6.58 13.70
C GLU A 147 13.89 7.36 13.76
N LEU A 148 13.06 7.27 12.70
CA LEU A 148 11.77 7.97 12.71
C LEU A 148 10.86 7.47 13.81
N VAL A 149 10.89 6.18 14.12
CA VAL A 149 10.12 5.64 15.24
C VAL A 149 10.63 6.28 16.52
N ASP A 150 11.96 6.30 16.69
CA ASP A 150 12.56 6.79 17.93
C ASP A 150 12.39 8.29 18.09
N GLU A 151 12.12 9.02 17.02
CA GLU A 151 11.88 10.47 17.07
C GLU A 151 10.40 10.81 17.19
N GLY A 152 9.52 9.82 17.18
CA GLY A 152 8.10 10.06 17.33
C GLY A 152 7.37 10.46 16.07
N LEU A 153 8.03 10.44 14.91
CA LEU A 153 7.37 10.84 13.67
C LEU A 153 6.43 9.77 13.12
N VAL A 154 6.70 8.50 13.42
CA VAL A 154 5.91 7.39 12.91
C VAL A 154 5.77 6.36 14.01
N LYS A 155 4.60 5.69 14.05
N LYS A 155 4.63 5.67 14.04
CA LYS A 155 4.36 4.65 15.04
CA LYS A 155 4.40 4.65 15.06
C LYS A 155 4.88 3.28 14.62
C LYS A 155 4.77 3.25 14.61
N ALA A 156 4.92 3.03 13.31
CA ALA A 156 5.31 1.74 12.75
C ALA A 156 6.01 2.02 11.43
N ILE A 157 6.94 1.14 11.09
CA ILE A 157 7.64 1.18 9.81
C ILE A 157 7.48 -0.16 9.10
N GLY A 158 7.53 -0.10 7.77
CA GLY A 158 7.42 -1.28 6.96
C GLY A 158 8.01 -1.06 5.58
N ILE A 159 7.68 -1.99 4.68
CA ILE A 159 8.28 -2.08 3.36
C ILE A 159 7.18 -2.32 2.33
N SER A 160 7.53 -2.14 1.07
CA SER A 160 6.56 -2.32 -0.02
C SER A 160 7.32 -2.78 -1.25
N ASN A 161 6.74 -3.75 -1.96
CA ASN A 161 7.35 -4.29 -3.17
C ASN A 161 8.69 -4.96 -2.89
N PHE A 162 8.87 -5.50 -1.67
CA PHE A 162 10.07 -6.26 -1.35
C PHE A 162 9.80 -7.74 -1.64
N ASN A 163 10.72 -8.37 -2.36
CA ASN A 163 10.64 -9.81 -2.58
C ASN A 163 11.12 -10.54 -1.33
N HIS A 164 10.96 -11.87 -1.29
CA HIS A 164 11.20 -12.54 -0.02
C HIS A 164 12.66 -12.45 0.41
N LEU A 165 13.59 -12.44 -0.55
CA LEU A 165 15.00 -12.31 -0.18
C LEU A 165 15.31 -10.93 0.38
N GLN A 166 14.61 -9.90 -0.12
CA GLN A 166 14.79 -8.54 0.39
C GLN A 166 14.17 -8.39 1.77
N VAL A 167 13.00 -9.00 2.00
CA VAL A 167 12.46 -9.06 3.36
C VAL A 167 13.45 -9.75 4.29
N GLU A 168 13.97 -10.90 3.85
CA GLU A 168 14.93 -11.65 4.66
C GLU A 168 16.16 -10.82 4.97
N MET A 169 16.63 -10.02 4.02
N MET A 169 16.62 -10.02 4.02
CA MET A 169 17.78 -9.16 4.29
CA MET A 169 17.79 -9.17 4.24
C MET A 169 17.50 -8.21 5.46
C MET A 169 17.58 -8.26 5.44
N ILE A 170 16.29 -7.63 5.50
N ILE A 170 16.41 -7.63 5.53
CA ILE A 170 15.93 -6.76 6.60
CA ILE A 170 16.13 -6.79 6.69
C ILE A 170 15.86 -7.55 7.91
C ILE A 170 15.99 -7.64 7.95
N LEU A 171 15.22 -8.73 7.87
CA LEU A 171 15.07 -9.55 9.08
C LEU A 171 16.41 -10.02 9.62
N ASN A 172 17.40 -10.20 8.74
CA ASN A 172 18.74 -10.62 9.12
C ASN A 172 19.70 -9.45 9.36
N LYS A 173 19.20 -8.20 9.34
CA LYS A 173 20.08 -7.04 9.46
C LYS A 173 20.82 -7.09 10.80
N PRO A 174 22.15 -6.95 10.80
CA PRO A 174 22.86 -6.80 12.07
C PRO A 174 22.32 -5.63 12.87
N GLY A 175 21.98 -5.90 14.12
CA GLY A 175 21.50 -4.85 14.98
C GLY A 175 20.09 -4.38 14.74
N LEU A 176 19.30 -5.16 13.98
CA LEU A 176 17.91 -4.79 13.70
C LEU A 176 17.20 -4.35 14.97
N LYS A 177 16.59 -3.17 14.93
CA LYS A 177 15.91 -2.62 16.09
C LYS A 177 14.40 -2.78 16.03
N TYR A 178 13.79 -2.50 14.87
CA TYR A 178 12.36 -2.70 14.67
C TYR A 178 12.17 -3.55 13.42
N LYS A 179 11.45 -4.66 13.56
CA LYS A 179 11.08 -5.46 12.41
C LYS A 179 10.07 -4.70 11.55
N PRO A 180 10.05 -4.94 10.24
N PRO A 180 10.09 -4.91 10.23
CA PRO A 180 9.00 -4.35 9.41
CA PRO A 180 8.98 -4.42 9.40
C PRO A 180 7.64 -4.90 9.83
C PRO A 180 7.66 -4.90 9.95
N ALA A 181 6.68 -4.00 10.02
CA ALA A 181 5.36 -4.38 10.47
C ALA A 181 4.49 -4.89 9.33
N VAL A 182 4.74 -4.40 8.12
CA VAL A 182 3.91 -4.61 6.93
C VAL A 182 4.83 -4.73 5.73
N ASN A 183 4.42 -5.58 4.77
CA ASN A 183 4.90 -5.54 3.39
C ASN A 183 3.68 -5.33 2.50
N GLN A 184 3.65 -4.20 1.81
CA GLN A 184 2.55 -3.86 0.92
C GLN A 184 2.92 -4.25 -0.50
N ILE A 185 2.14 -5.16 -1.10
CA ILE A 185 2.46 -5.76 -2.40
C ILE A 185 1.20 -5.84 -3.26
N GLU A 186 1.41 -5.92 -4.58
CA GLU A 186 0.30 -6.12 -5.51
C GLU A 186 -0.32 -7.50 -5.26
N CYS A 187 -1.66 -7.56 -5.17
CA CYS A 187 -2.27 -8.86 -4.94
C CYS A 187 -3.73 -8.81 -5.34
N HIS A 188 -4.13 -9.77 -6.18
CA HIS A 188 -5.49 -9.87 -6.71
C HIS A 188 -5.62 -11.26 -7.34
N PRO A 189 -6.80 -11.66 -7.82
CA PRO A 189 -6.92 -13.03 -8.33
C PRO A 189 -6.04 -13.38 -9.51
N TYR A 190 -5.50 -12.41 -10.25
CA TYR A 190 -4.60 -12.74 -11.35
C TYR A 190 -3.12 -12.74 -10.93
N LEU A 191 -2.83 -12.32 -9.70
CA LEU A 191 -1.47 -12.30 -9.11
C LEU A 191 -1.66 -12.59 -7.62
N THR A 192 -1.80 -13.88 -7.30
CA THR A 192 -2.29 -14.27 -5.98
C THR A 192 -1.20 -14.30 -4.90
N GLN A 193 0.07 -14.39 -5.28
CA GLN A 193 1.18 -14.13 -4.34
C GLN A 193 1.26 -15.14 -3.20
N GLU A 194 0.86 -16.38 -3.39
N GLU A 194 0.93 -16.40 -3.44
CA GLU A 194 0.86 -17.31 -2.26
CA GLU A 194 0.83 -17.35 -2.34
C GLU A 194 2.23 -17.41 -1.60
C GLU A 194 2.18 -17.58 -1.65
N LYS A 195 3.29 -17.57 -2.40
CA LYS A 195 4.60 -17.83 -1.80
C LYS A 195 5.06 -16.66 -0.95
N LEU A 196 4.96 -15.43 -1.47
CA LEU A 196 5.44 -14.28 -0.70
C LEU A 196 4.55 -14.03 0.50
N ILE A 197 3.24 -14.21 0.36
CA ILE A 197 2.33 -14.01 1.48
C ILE A 197 2.64 -14.99 2.60
N GLN A 198 2.82 -16.28 2.27
CA GLN A 198 3.11 -17.23 3.33
C GLN A 198 4.44 -16.91 4.00
N TYR A 199 5.46 -16.53 3.22
CA TYR A 199 6.72 -16.14 3.84
C TYR A 199 6.53 -15.00 4.84
N CYS A 200 5.88 -13.92 4.40
CA CYS A 200 5.72 -12.77 5.28
C CYS A 200 4.89 -13.12 6.51
N GLN A 201 3.77 -13.82 6.30
CA GLN A 201 2.91 -14.15 7.44
C GLN A 201 3.64 -15.05 8.43
N SER A 202 4.48 -15.95 7.94
CA SER A 202 5.23 -16.83 8.82
C SER A 202 6.22 -16.07 9.69
N LYS A 203 6.61 -14.85 9.27
CA LYS A 203 7.50 -13.98 10.00
C LYS A 203 6.77 -12.93 10.84
N GLY A 204 5.44 -12.98 10.89
CA GLY A 204 4.68 -12.01 11.65
C GLY A 204 4.52 -10.68 10.98
N ILE A 205 4.83 -10.58 9.69
CA ILE A 205 4.69 -9.37 8.91
C ILE A 205 3.32 -9.40 8.26
N VAL A 206 2.52 -8.36 8.49
CA VAL A 206 1.20 -8.27 7.87
C VAL A 206 1.35 -7.82 6.43
N VAL A 207 0.61 -8.47 5.53
CA VAL A 207 0.63 -8.11 4.12
C VAL A 207 -0.58 -7.24 3.79
N THR A 208 -0.31 -6.12 3.11
CA THR A 208 -1.35 -5.29 2.51
C THR A 208 -1.37 -5.53 1.02
N ALA A 209 -2.56 -5.85 0.50
CA ALA A 209 -2.80 -6.05 -0.93
C ALA A 209 -3.16 -4.73 -1.59
N TYR A 210 -2.30 -4.31 -2.51
CA TYR A 210 -2.60 -3.16 -3.35
C TYR A 210 -3.10 -3.60 -4.72
N SER A 211 -3.72 -2.65 -5.43
CA SER A 211 -4.38 -2.89 -6.71
C SER A 211 -5.29 -4.11 -6.65
N PRO A 212 -6.18 -4.21 -5.65
CA PRO A 212 -7.01 -5.42 -5.50
C PRO A 212 -8.03 -5.57 -6.61
N LEU A 213 -8.36 -4.49 -7.33
CA LEU A 213 -9.26 -4.55 -8.48
C LEU A 213 -8.49 -4.62 -9.79
N GLY A 214 -7.17 -4.78 -9.74
CA GLY A 214 -6.36 -4.82 -10.93
C GLY A 214 -5.97 -3.48 -11.50
N SER A 215 -6.18 -2.39 -10.76
CA SER A 215 -5.77 -1.07 -11.18
C SER A 215 -6.21 -0.75 -12.61
N PRO A 216 -7.51 -0.83 -12.90
CA PRO A 216 -7.96 -0.58 -14.30
C PRO A 216 -7.70 0.83 -14.79
N ASP A 217 -7.43 1.79 -13.89
CA ASP A 217 -7.07 3.15 -14.25
C ASP A 217 -5.56 3.38 -14.32
N ARG A 218 -4.75 2.35 -14.18
CA ARG A 218 -3.32 2.56 -14.30
C ARG A 218 -3.02 3.18 -15.66
N PRO A 219 -2.03 4.08 -15.73
CA PRO A 219 -1.85 4.85 -16.98
C PRO A 219 -1.51 4.01 -18.19
N TRP A 220 -0.93 2.83 -18.01
CA TRP A 220 -0.46 1.99 -19.10
C TRP A 220 -1.43 0.86 -19.41
N ALA A 221 -2.67 0.95 -18.95
CA ALA A 221 -3.67 -0.05 -19.30
C ALA A 221 -3.85 -0.08 -20.81
N LYS A 222 -4.18 -1.28 -21.32
CA LYS A 222 -4.50 -1.50 -22.72
C LYS A 222 -5.90 -2.10 -22.83
N PRO A 223 -6.63 -1.81 -23.92
CA PRO A 223 -8.02 -2.29 -24.00
C PRO A 223 -8.16 -3.81 -23.96
N GLU A 224 -7.16 -4.54 -24.44
CA GLU A 224 -7.24 -6.00 -24.48
C GLU A 224 -6.83 -6.66 -23.16
N ASP A 225 -6.45 -5.87 -22.16
CA ASP A 225 -5.91 -6.45 -20.94
C ASP A 225 -6.98 -7.25 -20.18
N PRO A 226 -6.56 -8.23 -19.39
CA PRO A 226 -7.52 -8.90 -18.48
C PRO A 226 -8.22 -7.88 -17.60
N SER A 227 -9.47 -8.19 -17.22
CA SER A 227 -10.27 -7.28 -16.39
C SER A 227 -10.94 -8.09 -15.28
N LEU A 228 -10.49 -7.89 -14.04
CA LEU A 228 -11.09 -8.58 -12.91
C LEU A 228 -12.55 -8.20 -12.74
N LEU A 229 -12.86 -6.90 -12.83
CA LEU A 229 -14.23 -6.47 -12.59
C LEU A 229 -15.19 -7.02 -13.62
N GLU A 230 -14.71 -7.37 -14.81
CA GLU A 230 -15.54 -7.91 -15.87
C GLU A 230 -15.38 -9.41 -16.07
N ASP A 231 -14.62 -10.10 -15.24
CA ASP A 231 -14.42 -11.53 -15.40
C ASP A 231 -15.74 -12.24 -15.06
N PRO A 232 -16.33 -12.98 -15.99
CA PRO A 232 -17.66 -13.56 -15.70
C PRO A 232 -17.65 -14.53 -14.55
N ARG A 233 -16.52 -15.18 -14.30
CA ARG A 233 -16.44 -16.14 -13.21
C ARG A 233 -16.51 -15.43 -11.87
N ILE A 234 -15.91 -14.26 -11.78
CA ILE A 234 -15.97 -13.47 -10.55
C ILE A 234 -17.33 -12.83 -10.40
N LYS A 235 -17.90 -12.35 -11.50
CA LYS A 235 -19.26 -11.83 -11.47
C LYS A 235 -20.24 -12.88 -10.97
N ALA A 236 -20.03 -14.16 -11.33
CA ALA A 236 -20.93 -15.22 -10.88
C ALA A 236 -20.85 -15.44 -9.38
N ILE A 237 -19.64 -15.40 -8.81
CA ILE A 237 -19.51 -15.51 -7.36
C ILE A 237 -20.20 -14.33 -6.68
N ALA A 238 -20.00 -13.13 -7.22
CA ALA A 238 -20.67 -11.95 -6.67
C ALA A 238 -22.19 -12.10 -6.71
N ALA A 239 -22.73 -12.52 -7.86
CA ALA A 239 -24.18 -12.67 -7.97
C ALA A 239 -24.72 -13.67 -6.97
N LYS A 240 -24.00 -14.77 -6.76
CA LYS A 240 -24.44 -15.78 -5.81
C LYS A 240 -24.59 -15.21 -4.40
N HIS A 241 -23.71 -14.28 -4.04
CA HIS A 241 -23.71 -13.65 -2.73
C HIS A 241 -24.50 -12.35 -2.70
N ASN A 242 -25.13 -11.96 -3.80
N ASN A 242 -25.18 -11.99 -3.79
CA ASN A 242 -25.90 -10.71 -3.86
CA ASN A 242 -25.87 -10.71 -3.90
C ASN A 242 -25.02 -9.49 -3.56
C ASN A 242 -24.96 -9.57 -3.47
N LYS A 243 -23.76 -9.55 -3.99
N LYS A 243 -23.76 -9.55 -4.03
CA LYS A 243 -22.82 -8.46 -3.82
CA LYS A 243 -22.78 -8.49 -3.84
C LYS A 243 -22.30 -8.04 -5.20
C LYS A 243 -22.23 -8.09 -5.19
N THR A 244 -21.53 -6.95 -5.23
CA THR A 244 -20.89 -6.53 -6.47
C THR A 244 -19.56 -7.27 -6.65
N THR A 245 -19.07 -7.25 -7.89
N THR A 245 -19.05 -7.24 -7.89
CA THR A 245 -17.77 -7.85 -8.18
CA THR A 245 -17.77 -7.88 -8.16
C THR A 245 -16.68 -7.19 -7.34
C THR A 245 -16.63 -7.19 -7.40
N ALA A 246 -16.70 -5.86 -7.24
CA ALA A 246 -15.71 -5.17 -6.42
C ALA A 246 -15.77 -5.65 -4.97
N GLN A 247 -16.98 -5.82 -4.42
CA GLN A 247 -17.10 -6.29 -3.05
C GLN A 247 -16.48 -7.67 -2.87
N VAL A 248 -16.64 -8.56 -3.85
CA VAL A 248 -15.98 -9.87 -3.77
C VAL A 248 -14.47 -9.70 -3.82
N LEU A 249 -13.98 -8.83 -4.72
CA LEU A 249 -12.53 -8.61 -4.87
C LEU A 249 -11.91 -8.00 -3.62
N ILE A 250 -12.70 -7.26 -2.83
CA ILE A 250 -12.21 -6.67 -1.58
C ILE A 250 -12.28 -7.69 -0.44
N ARG A 251 -13.36 -8.46 -0.38
CA ARG A 251 -13.52 -9.45 0.68
C ARG A 251 -12.48 -10.56 0.56
N PHE A 252 -12.08 -10.91 -0.67
CA PHE A 252 -11.13 -11.98 -0.94
C PHE A 252 -9.84 -11.82 -0.14
N PRO A 253 -9.09 -10.71 -0.29
CA PRO A 253 -7.87 -10.57 0.53
C PRO A 253 -8.16 -10.51 2.02
N MET A 254 -9.29 -9.92 2.42
CA MET A 254 -9.61 -9.86 3.84
C MET A 254 -9.63 -11.26 4.45
N GLN A 255 -10.20 -12.23 3.74
CA GLN A 255 -10.29 -13.60 4.26
C GLN A 255 -8.97 -14.35 4.17
N ARG A 256 -7.96 -13.81 3.51
CA ARG A 256 -6.60 -14.34 3.54
C ARG A 256 -5.79 -13.70 4.65
N ASN A 257 -6.44 -12.96 5.54
CA ASN A 257 -5.78 -12.25 6.64
C ASN A 257 -4.86 -11.15 6.13
N LEU A 258 -5.23 -10.55 5.00
CA LEU A 258 -4.54 -9.40 4.45
C LEU A 258 -5.33 -8.13 4.75
N VAL A 259 -4.61 -7.01 4.73
CA VAL A 259 -5.19 -5.67 4.65
C VAL A 259 -5.38 -5.36 3.17
N VAL A 260 -6.39 -4.56 2.82
CA VAL A 260 -6.68 -4.26 1.41
C VAL A 260 -7.06 -2.79 1.28
N ILE A 261 -6.61 -2.16 0.18
CA ILE A 261 -6.71 -0.71 0.01
C ILE A 261 -7.26 -0.30 -1.36
N PRO A 262 -8.51 -0.68 -1.67
CA PRO A 262 -9.10 -0.26 -2.96
C PRO A 262 -9.16 1.26 -3.09
N LYS A 263 -8.88 1.75 -4.29
CA LYS A 263 -8.96 3.17 -4.59
C LYS A 263 -10.26 3.50 -5.33
N SER A 264 -10.92 4.58 -4.91
CA SER A 264 -11.98 5.18 -5.70
C SER A 264 -12.08 6.65 -5.35
N VAL A 265 -12.48 7.44 -6.34
CA VAL A 265 -12.92 8.81 -6.13
C VAL A 265 -14.41 8.98 -6.37
N THR A 266 -15.13 7.89 -6.59
CA THR A 266 -16.57 7.95 -6.87
C THR A 266 -17.31 7.74 -5.56
N PRO A 267 -18.06 8.74 -5.06
CA PRO A 267 -18.66 8.59 -3.72
C PRO A 267 -19.48 7.33 -3.54
N GLU A 268 -20.29 6.95 -4.53
N GLU A 268 -20.30 6.95 -4.52
CA GLU A 268 -21.12 5.76 -4.38
CA GLU A 268 -21.12 5.75 -4.38
C GLU A 268 -20.27 4.49 -4.28
C GLU A 268 -20.24 4.51 -4.24
N ARG A 269 -19.15 4.45 -5.01
CA ARG A 269 -18.28 3.28 -4.94
C ARG A 269 -17.49 3.25 -3.64
N ILE A 270 -17.06 4.41 -3.16
CA ILE A 270 -16.40 4.45 -1.86
C ILE A 270 -17.27 3.81 -0.80
N ALA A 271 -18.56 4.20 -0.77
CA ALA A 271 -19.50 3.63 0.18
C ALA A 271 -19.74 2.14 -0.08
N GLU A 272 -19.95 1.75 -1.33
CA GLU A 272 -20.19 0.33 -1.66
C GLU A 272 -19.01 -0.53 -1.25
N ASN A 273 -17.80 -0.06 -1.52
CA ASN A 273 -16.60 -0.85 -1.27
C ASN A 273 -16.40 -1.12 0.21
N PHE A 274 -17.01 -0.30 1.09
CA PHE A 274 -16.90 -0.52 2.52
C PHE A 274 -17.89 -1.56 3.03
N LYS A 275 -18.90 -1.92 2.23
CA LYS A 275 -19.97 -2.81 2.68
C LYS A 275 -19.58 -4.28 2.42
N VAL A 276 -18.53 -4.70 3.12
CA VAL A 276 -17.90 -5.99 2.91
C VAL A 276 -17.70 -6.76 4.22
N PHE A 277 -18.31 -6.30 5.31
CA PHE A 277 -18.14 -6.95 6.61
C PHE A 277 -19.33 -7.81 6.99
N ASP A 278 -20.29 -8.00 6.09
CA ASP A 278 -21.55 -8.67 6.39
C ASP A 278 -21.80 -9.89 5.51
N PHE A 279 -20.79 -10.40 4.83
CA PHE A 279 -20.93 -11.63 4.07
C PHE A 279 -19.62 -12.38 4.12
N GLU A 280 -19.67 -13.67 3.79
CA GLU A 280 -18.50 -14.54 3.82
C GLU A 280 -18.39 -15.31 2.52
N LEU A 281 -17.21 -15.30 1.92
CA LEU A 281 -16.88 -16.21 0.84
C LEU A 281 -16.59 -17.59 1.44
N SER A 282 -17.08 -18.65 0.80
CA SER A 282 -16.80 -20.00 1.27
C SER A 282 -15.34 -20.36 0.96
N SER A 283 -14.83 -21.45 1.58
N SER A 283 -14.87 -21.43 1.61
CA SER A 283 -13.48 -21.86 1.24
CA SER A 283 -13.55 -21.95 1.28
C SER A 283 -13.39 -22.32 -0.22
C SER A 283 -13.44 -22.25 -0.20
N GLN A 284 -14.48 -22.86 -0.76
CA GLN A 284 -14.53 -23.17 -2.19
C GLN A 284 -14.46 -21.89 -3.02
N ASP A 285 -15.20 -20.84 -2.64
CA ASP A 285 -15.09 -19.55 -3.33
C ASP A 285 -13.64 -19.08 -3.30
N MET A 286 -13.01 -19.15 -2.13
CA MET A 286 -11.64 -18.65 -1.96
C MET A 286 -10.67 -19.41 -2.84
N THR A 287 -10.75 -20.74 -2.83
CA THR A 287 -9.85 -21.56 -3.64
C THR A 287 -10.13 -21.34 -5.14
N THR A 288 -11.40 -21.13 -5.49
CA THR A 288 -11.74 -20.83 -6.88
C THR A 288 -11.13 -19.51 -7.31
N LEU A 289 -11.24 -18.47 -6.48
CA LEU A 289 -10.60 -17.19 -6.82
C LEU A 289 -9.10 -17.33 -6.93
N LEU A 290 -8.48 -18.08 -6.01
CA LEU A 290 -7.03 -18.30 -6.09
C LEU A 290 -6.66 -18.97 -7.40
N SER A 291 -7.54 -19.82 -7.93
CA SER A 291 -7.21 -20.58 -9.12
C SER A 291 -7.06 -19.70 -10.36
N TYR A 292 -7.50 -18.45 -10.29
CA TYR A 292 -7.43 -17.56 -11.44
C TYR A 292 -6.04 -16.93 -11.60
N ASN A 293 -5.08 -17.26 -10.75
CA ASN A 293 -3.75 -16.69 -10.87
C ASN A 293 -3.17 -16.92 -12.25
N ARG A 294 -2.62 -15.86 -12.84
CA ARG A 294 -1.88 -15.96 -14.09
C ARG A 294 -0.53 -15.25 -14.00
N ASN A 295 -0.09 -14.89 -12.79
CA ASN A 295 1.16 -14.13 -12.63
C ASN A 295 1.14 -12.85 -13.45
N TRP A 296 -0.02 -12.19 -13.47
CA TRP A 296 -0.24 -10.97 -14.26
C TRP A 296 0.01 -9.79 -13.34
N ARG A 297 1.17 -9.17 -13.51
CA ARG A 297 1.62 -8.09 -12.65
C ARG A 297 1.40 -6.77 -13.36
N VAL A 298 0.60 -5.89 -12.75
CA VAL A 298 0.29 -4.61 -13.38
C VAL A 298 1.21 -3.47 -12.94
N CYS A 299 1.92 -3.59 -11.82
CA CYS A 299 2.69 -2.46 -11.30
C CYS A 299 4.19 -2.76 -11.32
N GLY A 300 4.90 -2.06 -12.19
CA GLY A 300 6.33 -2.15 -12.33
C GLY A 300 6.80 -0.97 -13.16
N ALA A 301 8.10 -0.96 -13.47
CA ALA A 301 8.67 0.12 -14.28
C ALA A 301 9.83 -0.42 -15.10
N LEU A 302 9.70 -0.33 -16.43
CA LEU A 302 10.75 -0.84 -17.30
C LEU A 302 12.09 -0.16 -17.04
N SER A 303 12.07 1.13 -16.69
CA SER A 303 13.32 1.86 -16.45
C SER A 303 14.13 1.29 -15.29
N CYS A 304 13.53 0.44 -14.46
CA CYS A 304 14.15 -0.06 -13.24
C CYS A 304 14.62 -1.50 -13.35
N THR A 305 14.46 -2.16 -14.51
CA THR A 305 14.69 -3.60 -14.57
C THR A 305 16.16 -4.01 -14.51
N SER A 306 17.11 -3.07 -14.56
CA SER A 306 18.51 -3.37 -14.31
C SER A 306 19.03 -2.82 -13.00
N HIS A 307 18.19 -2.18 -12.19
CA HIS A 307 18.62 -1.72 -10.88
C HIS A 307 18.98 -2.95 -10.03
N LYS A 308 20.07 -2.85 -9.27
N LYS A 308 20.06 -2.84 -9.26
CA LYS A 308 20.52 -4.03 -8.52
CA LYS A 308 20.53 -4.00 -8.51
C LYS A 308 19.44 -4.54 -7.57
C LYS A 308 19.48 -4.52 -7.54
N ASP A 309 18.56 -3.66 -7.09
CA ASP A 309 17.53 -4.03 -6.13
C ASP A 309 16.14 -4.15 -6.77
N TYR A 310 16.07 -4.23 -8.10
CA TYR A 310 14.80 -4.47 -8.75
C TYR A 310 14.16 -5.71 -8.16
N PRO A 311 12.89 -5.67 -7.74
CA PRO A 311 12.36 -6.77 -6.93
C PRO A 311 11.82 -7.97 -7.70
N PHE A 312 11.57 -7.85 -9.00
CA PHE A 312 10.73 -8.84 -9.69
C PHE A 312 11.51 -9.78 -10.60
N HIS A 313 12.85 -9.85 -10.51
CA HIS A 313 13.58 -10.94 -11.14
C HIS A 313 13.38 -12.25 -10.37
N GLU A 314 13.40 -12.18 -9.05
CA GLU A 314 13.19 -13.36 -8.23
C GLU A 314 11.78 -13.89 -8.43
N GLU A 315 11.63 -15.21 -8.27
CA GLU A 315 10.31 -15.80 -8.40
C GLU A 315 9.32 -15.16 -7.43
N PHE A 316 9.76 -14.93 -6.19
CA PHE A 316 8.92 -14.29 -5.19
C PHE A 316 9.78 -13.63 -4.13
PA NAP B . -7.44 -0.53 -7.64
O1A NAP B . -7.82 -0.08 -6.25
O2A NAP B . -7.21 -1.97 -7.91
O5B NAP B . -8.48 -0.01 -8.74
C5B NAP B . -8.87 1.37 -8.78
C4B NAP B . -9.81 1.51 -9.94
O4B NAP B . -11.03 0.76 -9.68
C3B NAP B . -10.27 2.94 -10.22
O3B NAP B . -10.32 3.17 -11.62
C2B NAP B . -11.65 3.01 -9.58
O2B NAP B . -12.54 3.94 -10.25
C1B NAP B . -12.16 1.59 -9.84
N9A NAP B . -13.17 1.15 -8.88
C8A NAP B . -13.11 1.25 -7.51
N7A NAP B . -14.14 0.75 -6.89
C5A NAP B . -14.94 0.29 -7.92
C6A NAP B . -16.21 -0.31 -7.92
N6A NAP B . -16.91 -0.55 -6.81
N1A NAP B . -16.77 -0.61 -9.12
C2A NAP B . -16.08 -0.33 -10.22
N3A NAP B . -14.88 0.22 -10.35
C4A NAP B . -14.36 0.52 -9.15
O3 NAP B . -6.14 0.27 -8.10
PN NAP B . -4.85 1.00 -7.47
O1N NAP B . -5.18 2.43 -7.27
O2N NAP B . -3.68 0.64 -8.31
O5D NAP B . -4.59 0.27 -6.06
C5D NAP B . -5.21 0.71 -4.84
C4D NAP B . -4.25 1.53 -4.02
O4D NAP B . -3.09 0.75 -3.64
C3D NAP B . -3.61 2.73 -4.72
O3D NAP B . -4.51 3.82 -4.91
C2D NAP B . -2.47 3.04 -3.76
O2D NAP B . -2.99 3.67 -2.60
C1D NAP B . -1.99 1.61 -3.45
N1N NAP B . -0.87 1.15 -4.35
C2N NAP B . 0.37 1.07 -3.82
C3N NAP B . 1.43 0.70 -4.61
C7N NAP B . 2.81 0.48 -4.03
O7N NAP B . 3.80 0.41 -4.79
N7N NAP B . 2.91 0.37 -2.70
C4N NAP B . 1.22 0.45 -5.97
C5N NAP B . -0.06 0.52 -6.48
C6N NAP B . -1.11 0.87 -5.65
P2B NAP B . -12.95 5.37 -9.66
O1X NAP B . -14.23 5.14 -8.87
O2X NAP B . -11.81 5.86 -8.77
O3X NAP B . -13.18 6.16 -10.91
N1 30L C . 5.57 2.63 -9.86
C3 30L C . 6.34 1.48 -10.27
C4 30L C . 7.77 1.44 -9.76
C5 30L C . 8.55 0.33 -10.02
C6 30L C . 9.84 0.29 -9.53
N7 30L C . 10.63 -0.91 -9.80
O8 30L C . 10.19 -1.72 -10.60
O9 30L C . 11.69 -1.06 -9.20
C10 30L C . 10.40 1.33 -8.81
C11 30L C . 9.62 2.45 -8.57
C12 30L C . 8.31 2.50 -9.03
C19 30L C . 5.45 3.71 -10.65
O20 30L C . 5.98 3.79 -11.76
C21 30L C . 4.63 4.85 -10.11
C22 30L C . 5.11 6.14 -10.38
C24 30L C . 4.48 7.25 -9.85
C26 30L C . 3.39 7.06 -9.05
F27 30L C . 2.77 8.15 -8.52
C28 30L C . 2.87 5.82 -8.76
C30 30L C . 3.48 4.71 -9.32
O31 30L C . 2.99 3.43 -9.21
C32 30L C . 2.30 3.12 -8.00
C33 30L C . 3.19 3.12 -6.79
O34 30L C . 2.71 3.22 -5.66
O36 30L C . 4.47 2.95 -7.03
C1 CIT D . 4.51 20.71 -3.54
O1 CIT D . 4.96 20.48 -2.40
O2 CIT D . 4.78 21.80 -4.08
C2 CIT D . 3.66 19.70 -4.28
C3 CIT D . 2.52 19.14 -3.41
O7 CIT D . 1.78 20.25 -2.84
C4 CIT D . 1.62 18.26 -4.26
C5 CIT D . 0.31 18.01 -3.54
O3 CIT D . 0.24 17.34 -2.51
O4 CIT D . -0.75 18.50 -4.02
C6 CIT D . 3.09 18.34 -2.26
O5 CIT D . 2.88 18.78 -1.11
O6 CIT D . 3.73 17.29 -2.42
#